data_4KU4
#
_entry.id   4KU4
#
_cell.length_a   36.795
_cell.length_b   52.595
_cell.length_c   53.234
_cell.angle_alpha   114.62
_cell.angle_beta   93.01
_cell.angle_gamma   90.05
#
_symmetry.space_group_name_H-M   'P 1'
#
loop_
_entity.id
_entity.type
_entity.pdbx_description
1 polymer 'Ras-3 from Cryphonectria parasitica'
2 non-polymer "GUANOSINE-5'-DIPHOSPHATE"
3 non-polymer 'MAGNESIUM ION'
4 water water
#
_entity_poly.entity_id   1
_entity_poly.type   'polypeptide(L)'
_entity_poly.pdbx_seq_one_letter_code
;GSHMALSPGAGKITDKIAMLGEGGVGKTSLTVNLTKHVFSETYDPTLEDSYRRQCVIDGIPSHLEILDTAGQEEYGALRE
QWIRQNELFVIVFDVTRRSSFEAAERLFEEVIQTKRKLDETRRHPGDRHPDDLPFAPSLVVLVGNKCDLDTRREVGTLEG
SSLAKKLGCGFVETSAKLGTNVEEAFFSVVRADRRRKREVTDEEQR
;
_entity_poly.pdbx_strand_id   A,B
#
# COMPACT_ATOMS: atom_id res chain seq x y z
N ALA A 10 -6.61 -17.23 -29.92
CA ALA A 10 -7.12 -17.33 -28.56
C ALA A 10 -6.08 -16.81 -27.58
N GLY A 11 -6.55 -16.07 -26.58
CA GLY A 11 -5.68 -15.58 -25.52
C GLY A 11 -5.15 -14.18 -25.76
N LYS A 12 -5.21 -13.71 -26.99
CA LYS A 12 -4.73 -12.36 -27.33
C LYS A 12 -5.59 -11.26 -26.69
N ILE A 13 -5.02 -10.07 -26.61
CA ILE A 13 -5.74 -8.91 -26.11
C ILE A 13 -6.98 -8.68 -26.95
N THR A 14 -8.13 -8.54 -26.29
CA THR A 14 -9.37 -8.33 -27.00
C THR A 14 -9.87 -6.88 -26.91
N ASP A 15 -9.48 -6.19 -25.86
CA ASP A 15 -10.00 -4.83 -25.62
C ASP A 15 -8.96 -3.91 -24.99
N LYS A 16 -8.83 -2.70 -25.54
CA LYS A 16 -7.87 -1.74 -25.03
C LYS A 16 -8.60 -0.62 -24.32
N ILE A 17 -8.42 -0.53 -23.00
CA ILE A 17 -9.08 0.47 -22.20
C ILE A 17 -8.07 1.46 -21.64
N ALA A 18 -8.39 2.75 -21.70
CA ALA A 18 -7.56 3.75 -21.03
C ALA A 18 -8.21 4.31 -19.74
N MET A 19 -7.42 4.42 -18.68
CA MET A 19 -7.83 5.15 -17.48
C MET A 19 -7.57 6.64 -17.65
N LEU A 20 -8.56 7.45 -17.35
CA LEU A 20 -8.38 8.91 -17.28
C LEU A 20 -8.93 9.44 -15.97
N GLY A 21 -8.47 10.63 -15.58
CA GLY A 21 -8.86 11.26 -14.32
C GLY A 21 -7.71 12.02 -13.68
N GLU A 22 -8.04 12.99 -12.83
CA GLU A 22 -6.99 13.74 -12.13
C GLU A 22 -6.19 12.83 -11.20
N GLY A 23 -5.04 13.33 -10.76
CA GLY A 23 -4.24 12.59 -9.80
C GLY A 23 -4.97 12.34 -8.49
N GLY A 24 -4.79 11.15 -7.94
CA GLY A 24 -5.30 10.83 -6.63
C GLY A 24 -6.73 10.31 -6.59
N VAL A 25 -7.35 10.08 -7.75
CA VAL A 25 -8.77 9.69 -7.75
C VAL A 25 -8.94 8.19 -7.54
N GLY A 26 -7.88 7.46 -7.84
CA GLY A 26 -7.90 6.02 -7.65
C GLY A 26 -7.68 5.21 -8.91
N LYS A 27 -7.12 5.82 -9.96
CA LYS A 27 -6.89 5.10 -11.21
C LYS A 27 -6.05 3.83 -11.03
N THR A 28 -4.84 4.00 -10.50
CA THR A 28 -3.94 2.88 -10.28
C THR A 28 -4.55 1.82 -9.37
N SER A 29 -5.15 2.26 -8.27
CA SER A 29 -5.78 1.36 -7.29
C SER A 29 -6.87 0.51 -7.93
N LEU A 30 -7.71 1.13 -8.75
CA LEU A 30 -8.76 0.42 -9.47
C LEU A 30 -8.18 -0.65 -10.39
N THR A 31 -7.14 -0.29 -11.13
CA THR A 31 -6.56 -1.19 -12.12
C THR A 31 -5.85 -2.37 -11.46
N VAL A 32 -5.13 -2.09 -10.37
CA VAL A 32 -4.41 -3.12 -9.62
C VAL A 32 -5.40 -4.07 -8.94
N ASN A 33 -6.49 -3.51 -8.43
CA ASN A 33 -7.57 -4.33 -7.88
C ASN A 33 -8.21 -5.22 -8.93
N LEU A 34 -8.63 -4.63 -10.05
CA LEU A 34 -9.26 -5.36 -11.13
C LEU A 34 -8.42 -6.54 -11.60
N THR A 35 -7.12 -6.29 -11.78
CA THR A 35 -6.23 -7.29 -12.38
C THR A 35 -5.65 -8.29 -11.38
N LYS A 36 -5.98 -8.14 -10.11
CA LYS A 36 -5.56 -9.10 -9.08
C LYS A 36 -4.04 -9.14 -8.98
N HIS A 37 -3.42 -7.96 -9.09
CA HIS A 37 -1.97 -7.82 -9.02
C HIS A 37 -1.48 -8.27 -7.64
N VAL A 38 -0.24 -8.74 -7.55
CA VAL A 38 0.26 -9.38 -6.31
C VAL A 38 0.29 -8.50 -5.07
N PHE A 39 0.64 -7.24 -5.24
CA PHE A 39 0.58 -6.32 -4.11
C PHE A 39 -0.62 -5.41 -4.34
N SER A 40 -1.78 -6.04 -4.38
CA SER A 40 -3.03 -5.40 -4.76
C SER A 40 -3.29 -4.12 -3.99
N GLU A 41 -2.79 -4.05 -2.78
CA GLU A 41 -3.10 -2.94 -1.90
C GLU A 41 -2.13 -1.78 -2.04
N THR A 42 -0.90 -2.05 -2.48
CA THR A 42 0.13 -1.02 -2.45
C THR A 42 0.84 -0.72 -3.77
N TYR A 43 0.71 -1.60 -4.76
CA TYR A 43 1.48 -1.45 -5.99
C TYR A 43 1.22 -0.12 -6.68
N ASP A 44 2.27 0.67 -6.87
CA ASP A 44 2.09 2.03 -7.41
C ASP A 44 3.40 2.59 -7.96
N PRO A 45 3.87 2.07 -9.10
CA PRO A 45 5.18 2.49 -9.59
C PRO A 45 5.19 3.94 -10.09
N THR A 46 6.33 4.61 -9.91
CA THR A 46 6.46 6.01 -10.30
C THR A 46 6.15 6.18 -11.78
N LEU A 47 6.57 5.23 -12.59
CA LEU A 47 6.20 5.19 -13.99
C LEU A 47 5.05 4.19 -14.16
N GLU A 48 3.90 4.68 -14.63
CA GLU A 48 2.70 3.84 -14.77
C GLU A 48 2.87 2.63 -15.66
N ASP A 49 2.14 1.56 -15.34
CA ASP A 49 2.21 0.34 -16.13
C ASP A 49 0.95 0.16 -16.94
N SER A 50 1.02 -0.76 -17.91
CA SER A 50 -0.14 -1.22 -18.63
C SER A 50 -0.45 -2.50 -17.86
N TYR A 51 -1.72 -2.81 -17.64
CA TYR A 51 -2.11 -3.98 -16.86
C TYR A 51 -3.03 -4.88 -17.67
N ARG A 52 -3.08 -6.16 -17.31
CA ARG A 52 -3.92 -7.10 -18.04
C ARG A 52 -4.86 -7.87 -17.13
N ARG A 53 -6.07 -8.11 -17.62
CA ARG A 53 -7.01 -9.00 -16.94
C ARG A 53 -7.59 -9.98 -17.95
N GLN A 54 -7.29 -11.27 -17.77
CA GLN A 54 -7.98 -12.31 -18.50
C GLN A 54 -9.22 -12.60 -17.68
N CYS A 55 -10.36 -12.67 -18.36
CA CYS A 55 -11.64 -12.91 -17.67
C CYS A 55 -12.64 -13.47 -18.66
N VAL A 56 -13.80 -13.82 -18.13
CA VAL A 56 -14.95 -14.17 -18.95
C VAL A 56 -16.04 -13.15 -18.64
N ILE A 57 -16.42 -12.36 -19.65
CA ILE A 57 -17.48 -11.37 -19.49
C ILE A 57 -18.73 -11.85 -20.21
N ASP A 58 -19.78 -12.10 -19.43
CA ASP A 58 -21.04 -12.59 -19.99
C ASP A 58 -20.80 -13.74 -20.96
N GLY A 59 -20.05 -14.75 -20.50
CA GLY A 59 -19.84 -15.97 -21.26
C GLY A 59 -18.75 -15.93 -22.31
N ILE A 60 -18.26 -14.73 -22.62
CA ILE A 60 -17.24 -14.58 -23.65
C ILE A 60 -15.85 -14.33 -23.03
N PRO A 61 -14.89 -15.25 -23.28
CA PRO A 61 -13.52 -15.01 -22.80
C PRO A 61 -12.98 -13.72 -23.40
N SER A 62 -12.45 -12.87 -22.53
CA SER A 62 -11.92 -11.55 -22.91
C SER A 62 -10.56 -11.34 -22.25
N HIS A 63 -9.74 -10.49 -22.86
CA HIS A 63 -8.43 -10.16 -22.31
C HIS A 63 -8.27 -8.64 -22.41
N LEU A 64 -8.45 -7.98 -21.28
CA LEU A 64 -8.43 -6.52 -21.24
C LEU A 64 -7.00 -6.05 -21.03
N GLU A 65 -6.58 -5.05 -21.80
CA GLU A 65 -5.31 -4.39 -21.57
C GLU A 65 -5.65 -2.98 -21.13
N ILE A 66 -5.24 -2.63 -19.91
CA ILE A 66 -5.65 -1.35 -19.34
C ILE A 66 -4.46 -0.43 -19.19
N LEU A 67 -4.51 0.70 -19.89
CA LEU A 67 -3.51 1.74 -19.78
C LEU A 67 -3.76 2.64 -18.57
N ASP A 68 -2.91 2.51 -17.56
CA ASP A 68 -2.95 3.41 -16.41
C ASP A 68 -2.21 4.65 -16.89
N THR A 69 -2.62 5.82 -16.40
CA THR A 69 -2.07 7.07 -16.88
C THR A 69 -1.80 8.05 -15.75
N ALA A 70 -0.96 9.03 -16.03
CA ALA A 70 -0.64 10.07 -15.08
C ALA A 70 0.37 11.00 -15.73
N GLY A 71 0.38 12.21 -15.50
N GLY A 76 -1.79 17.77 -21.84
CA GLY A 76 -2.90 17.67 -22.77
C GLY A 76 -2.58 16.85 -24.00
N ALA A 77 -1.42 17.11 -24.62
CA ALA A 77 -1.04 16.41 -25.84
C ALA A 77 -0.83 14.93 -25.60
N LEU A 78 -0.17 14.57 -24.50
CA LEU A 78 0.02 13.16 -24.18
C LEU A 78 -1.33 12.47 -23.96
N ARG A 79 -2.26 13.17 -23.32
CA ARG A 79 -3.58 12.60 -23.10
C ARG A 79 -4.20 12.22 -24.44
N GLU A 80 -3.96 13.05 -25.45
CA GLU A 80 -4.49 12.78 -26.79
C GLU A 80 -3.93 11.49 -27.40
N GLN A 81 -2.69 11.16 -27.09
CA GLN A 81 -2.13 9.90 -27.60
C GLN A 81 -2.82 8.73 -26.88
N TRP A 82 -2.98 8.86 -25.57
CA TRP A 82 -3.66 7.84 -24.79
C TRP A 82 -5.02 7.53 -25.40
N ILE A 83 -5.71 8.57 -25.88
CA ILE A 83 -7.05 8.41 -26.42
C ILE A 83 -7.08 7.75 -27.80
N ARG A 84 -6.13 8.14 -28.67
CA ARG A 84 -6.05 7.57 -29.99
C ARG A 84 -5.77 6.07 -29.93
N GLN A 85 -5.00 5.64 -28.94
CA GLN A 85 -4.51 4.26 -28.89
C GLN A 85 -5.38 3.32 -28.05
N ASN A 86 -6.55 3.79 -27.63
CA ASN A 86 -7.49 2.95 -26.88
C ASN A 86 -8.91 3.00 -27.43
N GLU A 87 -9.68 1.94 -27.21
CA GLU A 87 -11.04 1.82 -27.75
C GLU A 87 -12.09 2.23 -26.71
N LEU A 88 -11.84 1.91 -25.45
CA LEU A 88 -12.81 2.10 -24.40
C LEU A 88 -12.17 2.89 -23.28
N PHE A 89 -12.99 3.58 -22.49
CA PHE A 89 -12.49 4.52 -21.50
C PHE A 89 -13.18 4.47 -20.15
N VAL A 90 -12.36 4.52 -19.11
CA VAL A 90 -12.83 4.60 -17.75
C VAL A 90 -12.33 5.93 -17.21
N ILE A 91 -13.27 6.87 -17.00
CA ILE A 91 -12.92 8.20 -16.50
C ILE A 91 -13.30 8.27 -15.04
N VAL A 92 -12.27 8.36 -14.19
CA VAL A 92 -12.44 8.24 -12.75
C VAL A 92 -12.45 9.59 -12.03
N PHE A 93 -13.38 9.74 -11.09
CA PHE A 93 -13.34 10.87 -10.16
C PHE A 93 -13.47 10.34 -8.73
N ASP A 94 -13.22 11.22 -7.76
CA ASP A 94 -13.16 10.87 -6.35
C ASP A 94 -14.41 11.49 -5.77
N VAL A 95 -15.31 10.68 -5.20
CA VAL A 95 -16.60 11.22 -4.79
C VAL A 95 -16.43 12.22 -3.65
N THR A 96 -15.27 12.19 -3.00
CA THR A 96 -14.99 13.13 -1.93
C THR A 96 -14.38 14.44 -2.39
N ARG A 97 -14.17 14.61 -3.70
CA ARG A 97 -13.52 15.80 -4.25
C ARG A 97 -14.24 16.34 -5.48
N ARG A 98 -15.04 17.36 -5.29
CA ARG A 98 -15.86 17.87 -6.38
C ARG A 98 -15.02 18.37 -7.56
N SER A 99 -13.83 18.91 -7.30
CA SER A 99 -12.98 19.34 -8.39
C SER A 99 -12.67 18.20 -9.36
N SER A 100 -12.48 16.98 -8.83
CA SER A 100 -12.16 15.83 -9.67
C SER A 100 -13.34 15.45 -10.56
N PHE A 101 -14.55 15.71 -10.05
CA PHE A 101 -15.76 15.41 -10.81
C PHE A 101 -15.86 16.38 -11.96
N GLU A 102 -15.47 17.62 -11.72
CA GLU A 102 -15.50 18.62 -12.76
C GLU A 102 -14.49 18.29 -13.85
N ALA A 103 -13.30 17.87 -13.46
CA ALA A 103 -12.30 17.45 -14.46
C ALA A 103 -12.77 16.26 -15.27
N ALA A 104 -13.40 15.30 -14.62
CA ALA A 104 -13.89 14.14 -15.35
C ALA A 104 -14.85 14.54 -16.49
N GLU A 105 -15.74 15.48 -16.21
CA GLU A 105 -16.65 16.00 -17.23
C GLU A 105 -15.88 16.63 -18.38
N ARG A 106 -14.90 17.45 -18.07
CA ARG A 106 -14.00 18.00 -19.09
C ARG A 106 -13.27 16.91 -19.89
N LEU A 107 -12.81 15.87 -19.21
CA LEU A 107 -12.10 14.76 -19.85
C LEU A 107 -13.01 14.01 -20.80
N PHE A 108 -14.26 13.81 -20.42
CA PHE A 108 -15.21 13.19 -21.34
C PHE A 108 -15.27 13.96 -22.66
N GLU A 109 -15.36 15.29 -22.58
CA GLU A 109 -15.41 16.09 -23.81
C GLU A 109 -14.14 15.94 -24.64
N GLU A 110 -12.98 15.91 -23.99
CA GLU A 110 -11.73 15.63 -24.71
C GLU A 110 -11.82 14.31 -25.44
N VAL A 111 -12.33 13.28 -24.78
CA VAL A 111 -12.42 11.96 -25.42
C VAL A 111 -13.30 12.00 -26.68
N ILE A 112 -14.51 12.52 -26.54
CA ILE A 112 -15.43 12.62 -27.67
C ILE A 112 -14.85 13.43 -28.84
N GLN A 113 -14.30 14.61 -28.53
CA GLN A 113 -13.75 15.48 -29.57
C GLN A 113 -12.57 14.82 -30.30
N THR A 114 -11.70 14.18 -29.54
CA THR A 114 -10.56 13.48 -30.11
C THR A 114 -11.03 12.31 -30.99
N LYS A 115 -11.96 11.50 -30.48
CA LYS A 115 -12.52 10.39 -31.26
C LYS A 115 -13.29 10.87 -32.49
N ARG A 116 -13.89 12.05 -32.40
CA ARG A 116 -14.58 12.66 -33.54
C ARG A 116 -13.57 13.02 -34.63
N LYS A 117 -12.40 13.49 -34.23
CA LYS A 117 -11.34 13.84 -35.17
C LYS A 117 -10.98 12.64 -36.04
N LEU A 118 -10.73 11.52 -35.38
CA LEU A 118 -10.28 10.31 -36.05
C LEU A 118 -11.35 9.68 -36.94
N ASP A 119 -12.59 9.69 -36.46
CA ASP A 119 -13.70 9.07 -37.20
C ASP A 119 -13.89 9.69 -38.59
N GLU A 120 -13.19 10.78 -38.86
CA GLU A 120 -13.21 11.40 -40.18
C GLU A 120 -11.96 12.22 -40.45
N THR A 121 -11.99 13.20 -41.19
N PRO A 134 -18.66 4.23 -35.78
CA PRO A 134 -18.05 5.39 -35.12
C PRO A 134 -18.05 5.27 -33.60
N PHE A 135 -17.19 6.04 -32.94
CA PHE A 135 -17.16 6.09 -31.49
C PHE A 135 -18.49 6.60 -30.95
N ALA A 136 -18.88 6.08 -29.78
CA ALA A 136 -20.12 6.51 -29.12
C ALA A 136 -19.88 6.70 -27.62
N PRO A 137 -20.64 7.60 -26.98
CA PRO A 137 -20.47 7.87 -25.55
C PRO A 137 -20.64 6.65 -24.66
N SER A 138 -21.32 5.61 -25.14
CA SER A 138 -21.49 4.40 -24.34
C SER A 138 -20.17 3.63 -24.17
N LEU A 139 -19.13 3.99 -24.92
CA LEU A 139 -17.84 3.31 -24.79
C LEU A 139 -17.01 3.94 -23.67
N VAL A 140 -17.63 4.87 -22.96
CA VAL A 140 -17.02 5.51 -21.82
C VAL A 140 -17.81 5.18 -20.57
N VAL A 141 -17.12 4.99 -19.45
CA VAL A 141 -17.82 4.89 -18.18
C VAL A 141 -17.23 5.89 -17.21
N LEU A 142 -18.10 6.68 -16.58
CA LEU A 142 -17.68 7.57 -15.51
C LEU A 142 -17.73 6.80 -14.22
N VAL A 143 -16.63 6.82 -13.47
CA VAL A 143 -16.53 6.05 -12.24
C VAL A 143 -16.40 6.97 -11.03
N GLY A 144 -17.33 6.86 -10.11
CA GLY A 144 -17.23 7.61 -8.86
C GLY A 144 -16.55 6.72 -7.82
N ASN A 145 -15.25 6.93 -7.63
CA ASN A 145 -14.46 6.05 -6.77
C ASN A 145 -14.37 6.58 -5.34
N LYS A 146 -13.95 5.71 -4.43
CA LYS A 146 -13.85 5.98 -2.99
C LYS A 146 -15.23 6.06 -2.35
N CYS A 147 -16.16 5.23 -2.82
CA CYS A 147 -17.51 5.28 -2.28
C CYS A 147 -17.60 4.73 -0.85
N ASP A 148 -16.54 4.08 -0.38
CA ASP A 148 -16.46 3.62 1.02
C ASP A 148 -16.33 4.84 1.94
N LEU A 149 -16.02 5.99 1.36
CA LEU A 149 -15.84 7.24 2.10
C LEU A 149 -17.13 8.04 2.10
N ASP A 150 -18.23 7.34 2.36
CA ASP A 150 -19.58 7.91 2.26
C ASP A 150 -19.76 9.15 3.13
N THR A 151 -19.21 9.11 4.35
CA THR A 151 -19.37 10.21 5.30
C THR A 151 -18.62 11.47 4.89
N ARG A 152 -17.85 11.39 3.81
CA ARG A 152 -17.05 12.51 3.35
C ARG A 152 -17.29 12.84 1.88
N ARG A 153 -18.43 12.43 1.34
CA ARG A 153 -18.61 12.66 -0.08
C ARG A 153 -19.00 14.12 -0.36
N GLU A 154 -18.51 14.65 -1.47
CA GLU A 154 -18.86 16.00 -1.92
C GLU A 154 -19.73 15.94 -3.16
N VAL A 155 -19.75 14.77 -3.81
CA VAL A 155 -20.55 14.56 -5.02
C VAL A 155 -21.56 13.44 -4.77
N GLY A 156 -22.83 13.73 -4.99
CA GLY A 156 -23.89 12.76 -4.74
C GLY A 156 -24.05 11.71 -5.83
N THR A 157 -24.66 10.58 -5.48
CA THR A 157 -24.83 9.50 -6.43
C THR A 157 -25.77 9.88 -7.56
N LEU A 158 -26.86 10.55 -7.22
CA LEU A 158 -27.83 10.99 -8.23
C LEU A 158 -27.20 12.02 -9.18
N GLU A 159 -26.28 12.84 -8.66
CA GLU A 159 -25.59 13.86 -9.45
C GLU A 159 -24.66 13.25 -10.49
N GLY A 160 -23.88 12.27 -10.08
CA GLY A 160 -23.06 11.51 -11.01
C GLY A 160 -23.92 10.78 -12.04
N SER A 161 -25.02 10.21 -11.57
CA SER A 161 -25.87 9.46 -12.47
C SER A 161 -26.49 10.35 -13.53
N SER A 162 -26.93 11.54 -13.13
CA SER A 162 -27.53 12.50 -14.08
C SER A 162 -26.54 13.10 -15.08
N LEU A 163 -25.32 13.36 -14.66
CA LEU A 163 -24.31 13.81 -15.60
C LEU A 163 -24.09 12.74 -16.67
N ALA A 164 -23.87 11.50 -16.23
CA ALA A 164 -23.66 10.43 -17.20
C ALA A 164 -24.83 10.29 -18.16
N LYS A 165 -26.06 10.42 -17.66
CA LYS A 165 -27.23 10.36 -18.53
C LYS A 165 -27.24 11.51 -19.53
N LYS A 166 -26.91 12.70 -19.05
CA LYS A 166 -26.82 13.86 -19.93
C LYS A 166 -25.80 13.62 -21.07
N LEU A 167 -24.68 12.99 -20.76
CA LEU A 167 -23.60 12.81 -21.72
C LEU A 167 -23.76 11.56 -22.62
N GLY A 168 -24.61 10.64 -22.20
CA GLY A 168 -24.79 9.38 -22.91
C GLY A 168 -23.83 8.28 -22.50
N CYS A 169 -23.15 8.45 -21.37
CA CYS A 169 -22.16 7.45 -20.94
C CYS A 169 -22.60 6.65 -19.73
N GLY A 170 -21.77 5.70 -19.32
CA GLY A 170 -22.08 4.88 -18.17
C GLY A 170 -21.69 5.58 -16.88
N PHE A 171 -22.25 5.10 -15.77
CA PHE A 171 -21.87 5.58 -14.45
C PHE A 171 -21.86 4.43 -13.46
N VAL A 172 -20.72 4.22 -12.79
CA VAL A 172 -20.64 3.20 -11.75
C VAL A 172 -19.89 3.75 -10.55
N GLU A 173 -20.39 3.48 -9.35
CA GLU A 173 -19.69 3.88 -8.12
C GLU A 173 -18.86 2.71 -7.62
N THR A 174 -17.63 2.99 -7.21
CA THR A 174 -16.72 1.93 -6.82
C THR A 174 -15.89 2.22 -5.58
N SER A 175 -15.32 1.17 -5.00
CA SER A 175 -14.33 1.34 -3.95
C SER A 175 -13.16 0.44 -4.31
N ALA A 176 -12.11 1.03 -4.89
CA ALA A 176 -10.90 0.30 -5.19
C ALA A 176 -10.34 -0.37 -3.96
N LYS A 177 -10.58 0.25 -2.80
CA LYS A 177 -10.01 -0.24 -1.55
C LYS A 177 -10.70 -1.53 -1.13
N LEU A 178 -12.03 -1.56 -1.26
CA LEU A 178 -12.79 -2.74 -0.85
C LEU A 178 -13.09 -3.69 -2.00
N GLY A 179 -12.83 -3.24 -3.23
CA GLY A 179 -13.11 -4.02 -4.42
C GLY A 179 -14.54 -3.88 -4.91
N THR A 180 -15.31 -3.05 -4.23
CA THR A 180 -16.74 -2.91 -4.50
C THR A 180 -17.02 -2.37 -5.90
N ASN A 181 -17.74 -3.16 -6.69
CA ASN A 181 -18.21 -2.78 -8.02
C ASN A 181 -17.09 -2.56 -9.04
N VAL A 182 -15.86 -2.92 -8.69
CA VAL A 182 -14.76 -2.69 -9.62
C VAL A 182 -14.95 -3.45 -10.94
N GLU A 183 -15.23 -4.76 -10.90
CA GLU A 183 -15.44 -5.49 -12.15
C GLU A 183 -16.61 -4.91 -12.97
N GLU A 184 -17.71 -4.58 -12.29
CA GLU A 184 -18.86 -4.01 -12.99
C GLU A 184 -18.46 -2.77 -13.77
N ALA A 185 -17.61 -1.95 -13.18
CA ALA A 185 -17.21 -0.70 -13.81
C ALA A 185 -16.43 -0.96 -15.11
N PHE A 186 -15.36 -1.74 -15.02
CA PHE A 186 -14.55 -2.04 -16.21
C PHE A 186 -15.32 -2.83 -17.26
N PHE A 187 -16.08 -3.84 -16.83
CA PHE A 187 -16.79 -4.66 -17.80
C PHE A 187 -17.93 -3.89 -18.48
N SER A 188 -18.37 -2.80 -17.87
CA SER A 188 -19.50 -2.06 -18.41
C SER A 188 -19.25 -1.56 -19.82
N VAL A 189 -18.02 -1.15 -20.11
CA VAL A 189 -17.76 -0.59 -21.44
C VAL A 189 -17.60 -1.68 -22.47
N VAL A 190 -17.13 -2.85 -22.04
CA VAL A 190 -17.11 -4.00 -22.94
C VAL A 190 -18.54 -4.42 -23.28
N ARG A 191 -19.38 -4.48 -22.25
CA ARG A 191 -20.79 -4.84 -22.41
C ARG A 191 -21.48 -3.87 -23.35
N ALA A 192 -21.16 -2.58 -23.23
CA ALA A 192 -21.77 -1.58 -24.09
C ALA A 192 -21.35 -1.74 -25.55
N ASP A 193 -20.07 -2.00 -25.76
CA ASP A 193 -19.53 -2.21 -27.11
C ASP A 193 -20.24 -3.37 -27.78
N ARG A 194 -20.47 -4.45 -27.04
CA ARG A 194 -21.18 -5.60 -27.58
C ARG A 194 -22.65 -5.32 -27.83
N ARG A 195 -23.26 -4.53 -26.96
CA ARG A 195 -24.65 -4.12 -27.09
C ARG A 195 -24.85 -3.41 -28.43
N ARG A 196 -23.84 -2.64 -28.85
CA ARG A 196 -23.91 -1.84 -30.07
C ARG A 196 -23.99 -2.65 -31.36
N LYS A 197 -23.34 -3.81 -31.38
CA LYS A 197 -23.28 -4.64 -32.58
C LYS A 197 -24.67 -4.99 -33.10
N ARG A 198 -25.66 -4.96 -32.21
CA ARG A 198 -27.05 -5.12 -32.62
C ARG A 198 -27.99 -4.57 -31.57
N GLY B 9 33.61 -12.05 27.14
CA GLY B 9 34.83 -11.78 26.41
C GLY B 9 34.57 -11.10 25.07
N ALA B 10 35.66 -10.84 24.35
CA ALA B 10 35.57 -10.19 23.04
C ALA B 10 34.82 -11.09 22.07
N GLY B 11 33.97 -10.49 21.25
CA GLY B 11 33.22 -11.23 20.25
C GLY B 11 31.92 -11.85 20.71
N LYS B 12 31.76 -12.01 22.03
CA LYS B 12 30.53 -12.62 22.56
C LYS B 12 29.31 -11.72 22.28
N ILE B 13 28.11 -12.31 22.35
CA ILE B 13 26.89 -11.56 22.19
C ILE B 13 26.80 -10.51 23.29
N THR B 14 26.57 -9.26 22.90
CA THR B 14 26.44 -8.18 23.86
C THR B 14 24.99 -7.74 24.12
N ASP B 15 24.11 -7.92 23.13
CA ASP B 15 22.76 -7.39 23.23
C ASP B 15 21.73 -8.34 22.63
N LYS B 16 20.67 -8.58 23.37
CA LYS B 16 19.63 -9.51 22.94
C LYS B 16 18.37 -8.72 22.61
N ILE B 17 18.03 -8.70 21.33
CA ILE B 17 16.89 -7.96 20.86
C ILE B 17 15.78 -8.88 20.34
N ALA B 18 14.53 -8.60 20.71
CA ALA B 18 13.40 -9.30 20.12
C ALA B 18 12.62 -8.45 19.10
N MET B 19 12.29 -9.06 17.96
CA MET B 19 11.41 -8.48 16.95
C MET B 19 9.98 -8.80 17.28
N LEU B 20 9.15 -7.79 17.38
CA LEU B 20 7.71 -8.00 17.53
C LEU B 20 6.92 -7.30 16.43
N GLY B 21 5.65 -7.67 16.29
CA GLY B 21 4.81 -7.10 15.27
C GLY B 21 3.98 -8.10 14.48
N GLU B 22 2.90 -7.60 13.87
CA GLU B 22 1.98 -8.45 13.11
C GLU B 22 2.64 -9.06 11.88
N GLY B 23 2.12 -10.18 11.38
CA GLY B 23 2.67 -10.75 10.18
C GLY B 23 2.61 -9.79 9.00
N GLY B 24 3.64 -9.82 8.17
CA GLY B 24 3.68 -9.05 6.95
C GLY B 24 4.27 -7.65 7.09
N VAL B 25 4.65 -7.25 8.31
CA VAL B 25 5.06 -5.85 8.49
C VAL B 25 6.51 -5.63 8.06
N GLY B 26 7.27 -6.71 8.02
CA GLY B 26 8.65 -6.65 7.56
C GLY B 26 9.66 -7.06 8.61
N LYS B 27 9.23 -7.80 9.63
CA LYS B 27 10.13 -8.22 10.71
C LYS B 27 11.35 -8.99 10.19
N THR B 28 11.09 -10.02 9.40
CA THR B 28 12.18 -10.83 8.88
C THR B 28 13.04 -10.04 7.90
N SER B 29 12.40 -9.25 7.05
CA SER B 29 13.09 -8.42 6.07
C SER B 29 14.04 -7.42 6.72
N LEU B 30 13.58 -6.80 7.80
CA LEU B 30 14.41 -5.86 8.56
C LEU B 30 15.66 -6.54 9.12
N THR B 31 15.44 -7.72 9.70
CA THR B 31 16.50 -8.45 10.39
C THR B 31 17.56 -8.97 9.44
N VAL B 32 17.12 -9.55 8.32
CA VAL B 32 18.00 -10.08 7.29
C VAL B 32 18.78 -8.94 6.60
N ASN B 33 18.11 -7.82 6.35
CA ASN B 33 18.82 -6.62 5.89
C ASN B 33 19.87 -6.12 6.88
N LEU B 34 19.52 -6.01 8.15
CA LEU B 34 20.45 -5.54 9.15
C LEU B 34 21.69 -6.41 9.22
N THR B 35 21.51 -7.73 9.25
CA THR B 35 22.62 -8.66 9.43
C THR B 35 23.39 -8.97 8.15
N LYS B 36 23.00 -8.31 7.06
CA LYS B 36 23.68 -8.48 5.78
C LYS B 36 23.74 -9.94 5.35
N HIS B 37 22.62 -10.61 5.54
CA HIS B 37 22.46 -12.01 5.21
C HIS B 37 22.72 -12.20 3.71
N VAL B 38 23.24 -13.37 3.34
CA VAL B 38 23.62 -13.65 1.95
C VAL B 38 22.45 -13.53 0.98
N PHE B 39 21.26 -13.89 1.41
CA PHE B 39 20.09 -13.71 0.55
C PHE B 39 19.20 -12.63 1.17
N SER B 40 19.78 -11.44 1.33
CA SER B 40 19.13 -10.32 1.99
C SER B 40 17.67 -10.15 1.55
N GLU B 41 17.46 -10.14 0.24
CA GLU B 41 16.16 -9.80 -0.31
C GLU B 41 15.09 -10.87 -0.14
N THR B 42 15.50 -12.14 -0.06
CA THR B 42 14.51 -13.22 -0.15
C THR B 42 14.49 -14.23 1.02
N TYR B 43 15.56 -14.28 1.80
CA TYR B 43 15.64 -15.28 2.87
C TYR B 43 14.47 -15.16 3.84
N ASP B 44 13.75 -16.27 4.01
CA ASP B 44 12.50 -16.27 4.77
C ASP B 44 12.11 -17.68 5.18
N PRO B 45 12.80 -18.24 6.17
CA PRO B 45 12.57 -19.65 6.52
C PRO B 45 11.21 -19.88 7.17
N THR B 46 10.64 -21.07 6.98
CA THR B 46 9.31 -21.34 7.50
C THR B 46 9.28 -21.14 9.01
N LEU B 47 10.31 -21.64 9.68
CA LEU B 47 10.48 -21.41 11.11
C LEU B 47 11.46 -20.27 11.35
N GLU B 48 11.04 -19.24 12.11
CA GLU B 48 11.88 -18.06 12.35
C GLU B 48 13.21 -18.37 13.02
N ASP B 49 14.26 -17.71 12.54
CA ASP B 49 15.60 -17.89 13.09
C ASP B 49 15.96 -16.76 14.09
N SER B 50 17.11 -16.94 14.76
CA SER B 50 17.75 -15.87 15.54
C SER B 50 18.88 -15.47 14.59
N TYR B 51 19.17 -14.17 14.51
CA TYR B 51 20.19 -13.67 13.57
C TYR B 51 21.22 -12.88 14.35
N ARG B 52 22.38 -12.62 13.75
CA ARG B 52 23.47 -11.93 14.43
C ARG B 52 24.06 -10.80 13.61
N ARG B 53 24.38 -9.69 14.26
CA ARG B 53 25.12 -8.61 13.60
C ARG B 53 26.28 -8.14 14.47
N GLN B 54 27.51 -8.35 13.99
CA GLN B 54 28.67 -7.76 14.64
C GLN B 54 28.81 -6.37 14.05
N CYS B 55 28.97 -5.37 14.91
CA CYS B 55 29.01 -3.99 14.44
C CYS B 55 29.78 -3.15 15.45
N VAL B 56 29.98 -1.89 15.10
CA VAL B 56 30.55 -0.94 16.04
C VAL B 56 29.54 0.17 16.16
N ILE B 57 28.96 0.32 17.34
CA ILE B 57 27.94 1.33 17.59
C ILE B 57 28.54 2.43 18.46
N ASP B 58 28.62 3.64 17.91
CA ASP B 58 29.21 4.76 18.63
C ASP B 58 30.54 4.38 19.32
N GLY B 59 31.41 3.73 18.56
CA GLY B 59 32.78 3.47 18.96
C GLY B 59 33.00 2.20 19.77
N ILE B 60 31.91 1.55 20.16
CA ILE B 60 31.97 0.36 21.00
C ILE B 60 31.55 -0.87 20.21
N PRO B 61 32.47 -1.82 20.02
CA PRO B 61 32.14 -3.08 19.35
C PRO B 61 30.96 -3.72 20.04
N SER B 62 29.98 -4.13 19.24
CA SER B 62 28.78 -4.78 19.77
C SER B 62 28.41 -5.98 18.90
N HIS B 63 27.75 -6.96 19.51
CA HIS B 63 27.32 -8.13 18.78
C HIS B 63 25.85 -8.37 19.13
N LEU B 64 24.97 -8.06 18.18
CA LEU B 64 23.55 -8.10 18.42
C LEU B 64 23.00 -9.44 18.03
N GLU B 65 22.24 -10.05 18.92
CA GLU B 65 21.51 -11.26 18.57
C GLU B 65 20.03 -10.90 18.51
N ILE B 66 19.44 -11.07 17.32
CA ILE B 66 18.06 -10.66 17.12
C ILE B 66 17.14 -11.87 16.95
N LEU B 67 16.19 -12.02 17.85
CA LEU B 67 15.16 -13.05 17.72
C LEU B 67 14.05 -12.61 16.77
N ASP B 68 13.93 -13.25 15.61
CA ASP B 68 12.79 -13.04 14.72
C ASP B 68 11.65 -13.89 15.30
N THR B 69 10.42 -13.43 15.14
CA THR B 69 9.28 -14.11 15.74
C THR B 69 8.10 -14.22 14.78
N ALA B 70 7.21 -15.17 15.08
CA ALA B 70 5.97 -15.34 14.34
C ALA B 70 4.92 -14.34 14.82
N GLY B 71 4.40 -13.54 14.05
N TYR B 75 0.72 -17.18 19.80
CA TYR B 75 0.74 -15.74 19.91
C TYR B 75 0.20 -15.30 21.27
N GLY B 76 0.71 -15.89 22.35
CA GLY B 76 0.24 -15.47 23.67
C GLY B 76 1.20 -15.86 24.78
N ALA B 77 1.14 -17.10 25.24
CA ALA B 77 1.99 -17.56 26.34
C ALA B 77 3.48 -17.70 26.05
N LEU B 78 3.91 -18.48 25.02
CA LEU B 78 5.35 -18.69 24.61
C LEU B 78 6.00 -17.36 24.24
N ARG B 79 5.15 -16.37 24.06
CA ARG B 79 5.63 -15.05 23.81
C ARG B 79 6.28 -14.62 25.14
N GLU B 80 5.90 -15.27 26.24
CA GLU B 80 6.36 -14.82 27.56
C GLU B 80 7.86 -14.98 27.65
N GLN B 81 8.35 -16.10 27.13
CA GLN B 81 9.73 -16.43 27.13
C GLN B 81 10.50 -15.47 26.16
N TRP B 82 9.91 -15.09 25.06
CA TRP B 82 10.59 -14.12 24.15
C TRP B 82 10.85 -12.82 24.90
N ILE B 83 9.83 -12.39 25.63
CA ILE B 83 9.86 -11.16 26.44
C ILE B 83 10.86 -11.28 27.55
N ARG B 84 10.85 -12.45 28.24
CA ARG B 84 11.71 -12.71 29.38
C ARG B 84 13.18 -12.74 28.98
N GLN B 85 13.47 -13.36 27.84
CA GLN B 85 14.84 -13.66 27.41
C GLN B 85 15.53 -12.54 26.65
N ASN B 86 14.80 -11.49 26.29
CA ASN B 86 15.39 -10.40 25.51
C ASN B 86 15.37 -9.10 26.28
N GLU B 87 16.38 -8.27 26.05
CA GLU B 87 16.58 -7.07 26.84
C GLU B 87 16.04 -5.85 26.12
N LEU B 88 16.11 -5.86 24.79
CA LEU B 88 15.67 -4.73 24.00
C LEU B 88 14.67 -5.18 22.96
N PHE B 89 13.83 -4.26 22.51
CA PHE B 89 12.70 -4.62 21.66
C PHE B 89 12.46 -3.71 20.48
N VAL B 90 12.24 -4.33 19.33
CA VAL B 90 11.92 -3.63 18.10
C VAL B 90 10.49 -4.04 17.71
N ILE B 91 9.56 -3.12 17.84
CA ILE B 91 8.15 -3.40 17.53
C ILE B 91 7.76 -2.77 16.19
N VAL B 92 7.55 -3.61 15.17
CA VAL B 92 7.39 -3.13 13.80
C VAL B 92 5.94 -3.07 13.35
N PHE B 93 5.60 -2.00 12.66
CA PHE B 93 4.33 -1.90 11.96
C PHE B 93 4.60 -1.48 10.53
N ASP B 94 3.57 -1.57 9.68
CA ASP B 94 3.64 -1.28 8.25
C ASP B 94 2.92 0.06 8.09
N VAL B 95 3.61 1.08 7.58
CA VAL B 95 2.97 2.40 7.51
C VAL B 95 1.79 2.42 6.53
N THR B 96 1.67 1.37 5.71
CA THR B 96 0.55 1.25 4.76
C THR B 96 -0.63 0.49 5.32
N ARG B 97 -0.52 -0.02 6.54
CA ARG B 97 -1.62 -0.78 7.15
C ARG B 97 -1.89 -0.31 8.57
N ARG B 98 -2.91 0.52 8.73
CA ARG B 98 -3.23 1.07 10.03
C ARG B 98 -3.52 0.01 11.09
N SER B 99 -4.09 -1.13 10.71
CA SER B 99 -4.31 -2.18 11.69
C SER B 99 -3.00 -2.68 12.34
N SER B 100 -1.89 -2.65 11.61
CA SER B 100 -0.60 -3.12 12.17
C SER B 100 -0.02 -2.10 13.15
N PHE B 101 -0.36 -0.83 12.96
CA PHE B 101 0.05 0.24 13.87
C PHE B 101 -0.74 0.12 15.19
N GLU B 102 -2.02 -0.22 15.06
CA GLU B 102 -2.87 -0.42 16.22
C GLU B 102 -2.37 -1.62 17.00
N ALA B 103 -1.98 -2.66 16.27
CA ALA B 103 -1.39 -3.84 16.88
C ALA B 103 -0.11 -3.49 17.63
N ALA B 104 0.74 -2.65 17.03
CA ALA B 104 1.99 -2.25 17.65
C ALA B 104 1.79 -1.63 19.04
N GLU B 105 0.75 -0.82 19.17
CA GLU B 105 0.50 -0.14 20.44
C GLU B 105 0.12 -1.18 21.51
N ARG B 106 -0.70 -2.14 21.12
CA ARG B 106 -1.04 -3.24 22.02
C ARG B 106 0.20 -4.03 22.45
N LEU B 107 1.07 -4.36 21.49
CA LEU B 107 2.30 -5.11 21.73
C LEU B 107 3.26 -4.39 22.67
N PHE B 108 3.35 -3.07 22.54
CA PHE B 108 4.14 -2.28 23.47
C PHE B 108 3.63 -2.43 24.89
N GLU B 109 2.32 -2.28 25.08
CA GLU B 109 1.75 -2.41 26.41
C GLU B 109 1.98 -3.81 26.96
N GLU B 110 1.99 -4.80 26.07
CA GLU B 110 2.27 -6.18 26.48
C GLU B 110 3.70 -6.31 27.03
N VAL B 111 4.65 -5.71 26.31
CA VAL B 111 6.04 -5.81 26.73
C VAL B 111 6.26 -5.11 28.06
N ILE B 112 5.73 -3.90 28.18
CA ILE B 112 5.90 -3.06 29.38
C ILE B 112 5.29 -3.72 30.61
N GLN B 113 4.05 -4.17 30.48
CA GLN B 113 3.35 -4.78 31.61
C GLN B 113 4.09 -6.06 32.01
N THR B 114 4.43 -6.88 31.03
CA THR B 114 5.16 -8.11 31.31
C THR B 114 6.51 -7.85 31.99
N LYS B 115 7.27 -6.90 31.48
CA LYS B 115 8.56 -6.56 32.08
C LYS B 115 8.45 -6.03 33.51
N ARG B 116 7.46 -5.19 33.76
CA ARG B 116 7.19 -4.70 35.11
C ARG B 116 6.83 -5.85 36.05
N LYS B 117 6.06 -6.80 35.52
CA LYS B 117 5.74 -8.03 36.25
C LYS B 117 7.01 -8.73 36.69
N LEU B 118 7.88 -9.00 35.72
CA LEU B 118 9.09 -9.77 35.95
C LEU B 118 10.03 -9.11 36.97
N ASP B 119 10.15 -7.79 36.91
CA ASP B 119 11.07 -7.08 37.79
C ASP B 119 10.64 -7.21 39.24
N GLU B 120 11.43 -7.56 40.12
N PRO B 134 15.78 -1.36 36.37
CA PRO B 134 14.53 -1.96 35.86
C PRO B 134 14.30 -1.62 34.40
N PHE B 135 13.39 -2.34 33.75
CA PHE B 135 13.05 -2.07 32.35
C PHE B 135 12.43 -0.67 32.20
N ALA B 136 12.70 -0.03 31.06
CA ALA B 136 12.16 1.30 30.76
C ALA B 136 11.74 1.37 29.29
N PRO B 137 10.74 2.20 28.97
CA PRO B 137 10.17 2.26 27.62
C PRO B 137 11.17 2.66 26.56
N SER B 138 12.30 3.28 26.94
CA SER B 138 13.30 3.66 25.95
C SER B 138 14.07 2.44 25.42
N LEU B 139 13.85 1.28 26.04
CA LEU B 139 14.48 0.06 25.54
C LEU B 139 13.65 -0.55 24.44
N VAL B 140 12.58 0.16 24.06
CA VAL B 140 11.75 -0.28 22.96
C VAL B 140 11.81 0.74 21.85
N VAL B 141 11.86 0.27 20.62
CA VAL B 141 11.69 1.20 19.51
C VAL B 141 10.51 0.78 18.62
N LEU B 142 9.62 1.73 18.33
CA LEU B 142 8.55 1.47 17.38
C LEU B 142 9.07 1.78 16.00
N VAL B 143 8.94 0.82 15.08
CA VAL B 143 9.47 1.00 13.73
C VAL B 143 8.37 1.08 12.67
N GLY B 144 8.29 2.21 11.98
CA GLY B 144 7.37 2.34 10.87
C GLY B 144 8.04 1.88 9.58
N ASN B 145 7.80 0.63 9.20
CA ASN B 145 8.44 0.04 8.03
C ASN B 145 7.65 0.26 6.75
N LYS B 146 8.31 0.01 5.62
CA LYS B 146 7.76 0.19 4.29
C LYS B 146 7.58 1.67 3.95
N CYS B 147 8.46 2.52 4.50
CA CYS B 147 8.36 3.95 4.26
C CYS B 147 8.61 4.31 2.76
N ASP B 148 9.13 3.36 1.99
CA ASP B 148 9.27 3.58 0.54
C ASP B 148 7.92 3.55 -0.20
N LEU B 149 6.88 3.05 0.48
CA LEU B 149 5.55 2.97 -0.10
C LEU B 149 4.79 4.20 0.32
N ASP B 150 5.45 5.33 0.20
CA ASP B 150 4.95 6.63 0.63
C ASP B 150 3.55 6.96 0.06
N THR B 151 3.31 6.62 -1.21
CA THR B 151 2.02 6.89 -1.87
C THR B 151 0.86 6.03 -1.37
N ARG B 152 1.15 5.08 -0.49
CA ARG B 152 0.13 4.17 0.01
C ARG B 152 0.12 4.17 1.52
N ARG B 153 0.70 5.20 2.12
CA ARG B 153 0.77 5.20 3.57
C ARG B 153 -0.60 5.49 4.20
N GLU B 154 -0.88 4.81 5.30
CA GLU B 154 -2.12 4.96 6.05
C GLU B 154 -1.88 5.58 7.41
N VAL B 155 -0.62 5.59 7.84
CA VAL B 155 -0.24 6.14 9.14
C VAL B 155 0.84 7.19 8.92
N GLY B 156 0.58 8.40 9.40
CA GLY B 156 1.49 9.50 9.17
C GLY B 156 2.69 9.47 10.10
N THR B 157 3.77 10.12 9.66
CA THR B 157 4.99 10.16 10.43
C THR B 157 4.78 10.86 11.77
N LEU B 158 4.02 11.94 11.77
CA LEU B 158 3.83 12.70 13.00
C LEU B 158 3.00 11.88 13.98
N GLU B 159 2.11 11.06 13.44
CA GLU B 159 1.22 10.24 14.28
C GLU B 159 1.98 9.12 14.98
N GLY B 160 2.87 8.45 14.25
CA GLY B 160 3.75 7.48 14.84
C GLY B 160 4.71 8.12 15.82
N SER B 161 5.15 9.33 15.50
CA SER B 161 6.08 10.01 16.39
C SER B 161 5.42 10.40 17.70
N SER B 162 4.21 10.92 17.62
CA SER B 162 3.46 11.29 18.83
C SER B 162 3.06 10.10 19.71
N LEU B 163 2.76 8.95 19.10
CA LEU B 163 2.45 7.78 19.92
C LEU B 163 3.69 7.37 20.70
N ALA B 164 4.81 7.29 19.99
CA ALA B 164 6.07 6.93 20.65
C ALA B 164 6.40 7.90 21.80
N LYS B 165 6.18 9.20 21.59
CA LYS B 165 6.41 10.16 22.66
C LYS B 165 5.45 9.96 23.84
N LYS B 166 4.20 9.72 23.55
CA LYS B 166 3.23 9.40 24.60
C LYS B 166 3.67 8.20 25.43
N LEU B 167 4.21 7.18 24.76
CA LEU B 167 4.59 5.93 25.42
C LEU B 167 5.95 5.98 26.12
N GLY B 168 6.82 6.86 25.67
CA GLY B 168 8.18 6.95 26.21
C GLY B 168 9.22 6.16 25.43
N CYS B 169 8.87 5.69 24.23
CA CYS B 169 9.76 4.84 23.46
C CYS B 169 10.34 5.54 22.23
N GLY B 170 11.26 4.86 21.55
CA GLY B 170 11.81 5.36 20.30
C GLY B 170 10.85 5.19 19.12
N PHE B 171 11.11 5.95 18.05
CA PHE B 171 10.35 5.82 16.81
C PHE B 171 11.28 6.09 15.63
N VAL B 172 11.39 5.13 14.72
CA VAL B 172 12.18 5.28 13.52
C VAL B 172 11.40 4.72 12.33
N GLU B 173 11.33 5.49 11.24
CA GLU B 173 10.74 4.99 10.00
C GLU B 173 11.81 4.34 9.12
N THR B 174 11.50 3.18 8.57
CA THR B 174 12.48 2.42 7.79
C THR B 174 11.93 1.84 6.50
N SER B 175 12.85 1.45 5.59
CA SER B 175 12.49 0.66 4.43
C SER B 175 13.44 -0.50 4.41
N ALA B 176 12.95 -1.66 4.85
CA ALA B 176 13.75 -2.88 4.83
C ALA B 176 14.20 -3.21 3.40
N LYS B 177 13.37 -2.85 2.43
CA LYS B 177 13.67 -3.11 1.02
C LYS B 177 14.89 -2.36 0.53
N LEU B 178 14.95 -1.07 0.85
CA LEU B 178 16.03 -0.22 0.34
C LEU B 178 17.15 -0.06 1.36
N GLY B 179 16.88 -0.48 2.60
CA GLY B 179 17.87 -0.40 3.66
C GLY B 179 17.82 0.89 4.45
N THR B 180 16.89 1.77 4.07
CA THR B 180 16.79 3.10 4.67
C THR B 180 16.54 3.05 6.17
N ASN B 181 17.46 3.66 6.91
CA ASN B 181 17.36 3.82 8.35
C ASN B 181 17.33 2.52 9.14
N VAL B 182 17.70 1.40 8.52
CA VAL B 182 17.63 0.13 9.26
C VAL B 182 18.61 0.06 10.46
N GLU B 183 19.89 0.41 10.25
CA GLU B 183 20.82 0.42 11.37
C GLU B 183 20.39 1.42 12.45
N GLU B 184 19.93 2.61 12.04
CA GLU B 184 19.50 3.58 13.02
C GLU B 184 18.42 3.04 13.94
N ALA B 185 17.48 2.29 13.36
CA ALA B 185 16.38 1.70 14.11
C ALA B 185 16.89 0.70 15.15
N PHE B 186 17.64 -0.32 14.72
CA PHE B 186 18.15 -1.30 15.68
C PHE B 186 19.13 -0.69 16.67
N PHE B 187 20.02 0.16 16.20
CA PHE B 187 21.02 0.72 17.09
C PHE B 187 20.39 1.69 18.11
N SER B 188 19.23 2.25 17.78
CA SER B 188 18.59 3.22 18.67
C SER B 188 18.36 2.65 20.08
N VAL B 189 18.00 1.38 20.17
CA VAL B 189 17.70 0.83 21.48
C VAL B 189 18.98 0.50 22.26
N VAL B 190 20.04 0.18 21.55
CA VAL B 190 21.35 -0.02 22.18
C VAL B 190 21.87 1.31 22.73
N ARG B 191 21.71 2.37 21.93
CA ARG B 191 22.11 3.71 22.35
C ARG B 191 21.32 4.17 23.56
N ALA B 192 20.03 3.82 23.60
CA ALA B 192 19.17 4.18 24.72
C ALA B 192 19.62 3.51 26.01
N ASP B 193 19.94 2.22 25.91
CA ASP B 193 20.43 1.45 27.04
C ASP B 193 21.69 2.11 27.61
N ARG B 194 22.56 2.60 26.73
CA ARG B 194 23.79 3.26 27.19
C ARG B 194 23.54 4.66 27.73
N ARG B 195 22.57 5.37 27.14
CA ARG B 195 22.20 6.69 27.61
C ARG B 195 21.76 6.60 29.07
N ARG B 196 21.08 5.49 29.39
CA ARG B 196 20.59 5.24 30.75
C ARG B 196 21.72 5.01 31.74
N LYS B 197 22.70 4.20 31.36
CA LYS B 197 23.89 4.02 32.19
C LYS B 197 24.58 5.36 32.37
#